data_3JY1
#
_entry.id   3JY1
#
_cell.length_a   52.125
_cell.length_b   57.493
_cell.length_c   54.069
_cell.angle_alpha   90.00
_cell.angle_beta   101.67
_cell.angle_gamma   90.00
#
_symmetry.space_group_name_H-M   'P 1 21 1'
#
loop_
_entity.id
_entity.type
_entity.pdbx_description
1 polymer 'alkylpurine DNA glycosylase AlkD'
2 polymer "DNA (5'-D(*TP*GP*GP*GP*(3DR)P*GP*GP*CP*TP*T)-3')"
3 polymer "DNA (5'-D(*AP*AP*AP*GP*CP*CP*CP*CP*CP*C)-3')"
4 water water
#
loop_
_entity_poly.entity_id
_entity_poly.type
_entity_poly.pdbx_seq_one_letter_code
_entity_poly.pdbx_strand_id
1 'polypeptide(L)'
;PMHPFVKALQEHFTAHQNPEKAEPMARYMKNHFLFLGIQTPERRQLLKDIIQIHTLPDQKDFQIIIRELWDLPEREFQAA
ALDIMQKYKKHINETHIPFLEELIVTKSWWDSVDSIVPTFLGDIFLKHPELISAYIPKWIASDNIWLQRAAILFQLKYKQ
KMDEELLFWIIGQLHSSKEFFIQKAIGWVLREYAKTNPDVVWEYVQNNELAPLSKREAIKHIKQNY
;
A
2 'polydeoxyribonucleotide' (DT)(DG)(DG)(DG)(3DR)(DG)(DG)(DC)(DT)(DT) B
3 'polydeoxyribonucleotide' (DA)(DA)(DA)(DG)(DC)(DC)(DC)(DC)(DC)(DC) C
#
loop_
_chem_comp.id
_chem_comp.type
_chem_comp.name
_chem_comp.formula
3DR DNA linking 1',2'-DIDEOXYRIBOFURANOSE-5'-PHOSPHATE 'C5 H11 O6 P'
DA DNA linking 2'-DEOXYADENOSINE-5'-MONOPHOSPHATE 'C10 H14 N5 O6 P'
DC DNA linking 2'-DEOXYCYTIDINE-5'-MONOPHOSPHATE 'C9 H14 N3 O7 P'
DG DNA linking 2'-DEOXYGUANOSINE-5'-MONOPHOSPHATE 'C10 H14 N5 O7 P'
DT DNA linking THYMIDINE-5'-MONOPHOSPHATE 'C10 H15 N2 O8 P'
#
# COMPACT_ATOMS: atom_id res chain seq x y z
N PRO A 1 15.78 -16.08 9.33
CA PRO A 1 15.48 -15.08 10.37
C PRO A 1 16.66 -14.87 11.30
N MET A 2 17.80 -14.44 10.73
CA MET A 2 18.99 -14.20 11.54
C MET A 2 18.61 -13.46 12.82
N HIS A 3 18.07 -12.25 12.67
CA HIS A 3 17.67 -11.45 13.83
C HIS A 3 16.75 -12.25 14.75
N PRO A 4 17.07 -12.25 16.06
CA PRO A 4 16.32 -13.05 17.04
C PRO A 4 14.82 -12.77 17.03
N PHE A 5 14.45 -11.50 16.81
CA PHE A 5 13.04 -11.10 16.80
C PHE A 5 12.28 -11.73 15.64
N VAL A 6 12.91 -11.76 14.46
CA VAL A 6 12.30 -12.37 13.29
C VAL A 6 12.19 -13.88 13.46
N LYS A 7 13.18 -14.48 14.12
CA LYS A 7 13.18 -15.92 14.35
C LYS A 7 12.03 -16.31 15.26
N ALA A 8 11.90 -15.58 16.37
CA ALA A 8 10.81 -15.82 17.32
C ALA A 8 9.46 -15.68 16.63
N LEU A 9 9.29 -14.62 15.86
CA LEU A 9 8.03 -14.36 15.17
C LEU A 9 7.68 -15.49 14.20
N GLN A 10 8.68 -15.94 13.44
CA GLN A 10 8.49 -17.04 12.50
C GLN A 10 8.07 -18.31 13.21
N GLU A 11 8.74 -18.63 14.31
CA GLU A 11 8.40 -19.81 15.10
C GLU A 11 6.97 -19.72 15.62
N HIS A 12 6.62 -18.56 16.17
CA HIS A 12 5.31 -18.36 16.77
C HIS A 12 4.20 -18.40 15.72
N PHE A 13 4.41 -17.74 14.59
CA PHE A 13 3.44 -17.76 13.50
C PHE A 13 3.23 -19.19 13.01
N THR A 14 4.35 -19.88 12.77
CA THR A 14 4.29 -21.23 12.22
C THR A 14 3.54 -22.16 13.16
N ALA A 15 3.79 -22.01 14.45
CA ALA A 15 3.15 -22.84 15.47
C ALA A 15 1.64 -22.62 15.54
N HIS A 16 1.17 -21.54 14.92
CA HIS A 16 -0.24 -21.16 15.01
C HIS A 16 -0.92 -21.09 13.66
N GLN A 17 -0.32 -21.76 12.67
CA GLN A 17 -0.88 -21.76 11.33
C GLN A 17 -2.17 -22.56 11.27
N ASN A 18 -2.98 -22.25 10.27
CA ASN A 18 -4.30 -22.86 10.12
C ASN A 18 -4.56 -23.18 8.65
N PRO A 19 -4.26 -24.42 8.25
CA PRO A 19 -4.36 -24.87 6.86
C PRO A 19 -5.75 -24.66 6.26
N GLU A 20 -6.79 -24.75 7.09
CA GLU A 20 -8.17 -24.59 6.60
C GLU A 20 -8.45 -23.17 6.14
N LYS A 21 -7.76 -22.19 6.74
CA LYS A 21 -7.95 -20.79 6.39
C LYS A 21 -6.96 -20.36 5.32
N ALA A 22 -5.88 -21.13 5.18
CA ALA A 22 -4.82 -20.80 4.24
C ALA A 22 -5.34 -20.75 2.81
N GLU A 23 -6.18 -21.71 2.45
CA GLU A 23 -6.68 -21.84 1.07
C GLU A 23 -7.51 -20.64 0.59
N PRO A 24 -8.55 -20.26 1.34
CA PRO A 24 -9.37 -19.10 0.95
C PRO A 24 -8.59 -17.78 0.99
N MET A 25 -7.71 -17.63 1.97
CA MET A 25 -6.88 -16.44 2.03
C MET A 25 -6.00 -16.36 0.78
N ALA A 26 -5.40 -17.50 0.41
CA ALA A 26 -4.53 -17.53 -0.74
C ALA A 26 -5.29 -17.24 -2.03
N ARG A 27 -6.51 -17.77 -2.14
CA ARG A 27 -7.35 -17.53 -3.32
C ARG A 27 -7.74 -16.06 -3.48
N TYR A 28 -7.95 -15.37 -2.36
CA TYR A 28 -8.30 -13.96 -2.38
C TYR A 28 -7.22 -13.17 -3.11
N MET A 29 -5.98 -13.61 -2.97
CA MET A 29 -4.83 -12.95 -3.61
C MET A 29 -4.44 -13.64 -4.92
N LYS A 30 -5.40 -14.31 -5.54
CA LYS A 30 -5.19 -14.95 -6.82
C LYS A 30 -3.98 -15.88 -6.80
N ASN A 31 -3.77 -16.53 -5.66
CA ASN A 31 -2.72 -17.54 -5.48
C ASN A 31 -1.29 -17.10 -5.78
N HIS A 32 -1.01 -15.81 -5.67
CA HIS A 32 0.38 -15.34 -5.83
C HIS A 32 1.26 -15.68 -4.62
N PHE A 33 0.63 -15.97 -3.48
CA PHE A 33 1.38 -16.21 -2.25
C PHE A 33 0.91 -17.43 -1.47
N LEU A 34 1.85 -18.05 -0.76
CA LEU A 34 1.49 -19.03 0.26
C LEU A 34 0.94 -18.27 1.45
N PHE A 35 0.01 -18.87 2.18
CA PHE A 35 -0.46 -18.32 3.44
C PHE A 35 -0.35 -19.35 4.56
N LEU A 36 -0.20 -18.86 5.78
CA LEU A 36 -0.23 -19.72 6.95
C LEU A 36 -1.68 -19.94 7.39
N GLY A 37 -2.55 -19.01 7.00
CA GLY A 37 -3.94 -19.05 7.42
C GLY A 37 -4.17 -18.32 8.73
N ILE A 38 -3.48 -17.20 8.93
CA ILE A 38 -3.63 -16.40 10.14
C ILE A 38 -4.22 -15.04 9.79
N GLN A 39 -5.44 -14.78 10.24
CA GLN A 39 -6.12 -13.53 9.93
C GLN A 39 -5.67 -12.41 10.88
N THR A 40 -6.09 -11.19 10.59
CA THR A 40 -5.48 -10.02 11.23
C THR A 40 -5.54 -9.98 12.77
N PRO A 41 -6.70 -10.31 13.35
CA PRO A 41 -6.75 -10.28 14.82
C PRO A 41 -5.68 -11.17 15.44
N GLU A 42 -5.60 -12.42 15.00
CA GLU A 42 -4.61 -13.35 15.56
C GLU A 42 -3.20 -12.94 15.17
N ARG A 43 -3.03 -12.46 13.94
CA ARG A 43 -1.71 -12.06 13.47
C ARG A 43 -1.14 -10.95 14.34
N ARG A 44 -1.99 -9.99 14.70
CA ARG A 44 -1.54 -8.90 15.55
C ARG A 44 -1.31 -9.37 16.99
N GLN A 45 -2.14 -10.29 17.47
CA GLN A 45 -1.95 -10.84 18.81
C GLN A 45 -0.64 -11.61 18.90
N LEU A 46 -0.33 -12.37 17.86
CA LEU A 46 0.89 -13.16 17.82
C LEU A 46 2.12 -12.25 17.78
N LEU A 47 1.96 -11.10 17.11
CA LEU A 47 3.00 -10.10 17.10
C LEU A 47 3.14 -9.50 18.52
N LYS A 48 1.99 -9.24 19.14
CA LYS A 48 1.97 -8.68 20.49
C LYS A 48 2.68 -9.61 21.48
N ASP A 49 2.37 -10.90 21.43
CA ASP A 49 3.03 -11.91 22.25
C ASP A 49 4.55 -11.76 22.17
N ILE A 50 5.07 -11.66 20.96
CA ILE A 50 6.51 -11.62 20.73
C ILE A 50 7.13 -10.31 21.22
N ILE A 51 6.41 -9.20 21.02
CA ILE A 51 6.84 -7.91 21.55
C ILE A 51 6.85 -7.95 23.07
N GLN A 52 5.83 -8.58 23.66
CA GLN A 52 5.77 -8.70 25.12
C GLN A 52 7.02 -9.42 25.63
N ILE A 53 7.49 -10.40 24.87
CA ILE A 53 8.64 -11.20 25.27
C ILE A 53 9.98 -10.52 24.99
N HIS A 54 10.13 -9.97 23.80
CA HIS A 54 11.41 -9.45 23.34
C HIS A 54 11.56 -7.93 23.48
N THR A 55 10.43 -7.25 23.65
CA THR A 55 10.35 -5.79 23.53
C THR A 55 10.67 -5.39 22.10
N LEU A 56 10.11 -4.28 21.65
CA LEU A 56 10.36 -3.83 20.29
C LEU A 56 11.83 -3.49 20.12
N PRO A 57 12.46 -4.06 19.07
CA PRO A 57 13.89 -3.82 18.79
C PRO A 57 14.17 -2.34 18.58
N ASP A 58 15.42 -1.93 18.79
CA ASP A 58 15.80 -0.53 18.60
C ASP A 58 15.57 -0.10 17.16
N GLN A 59 15.32 1.18 16.96
CA GLN A 59 15.03 1.72 15.63
C GLN A 59 16.16 1.45 14.63
N LYS A 60 17.38 1.30 15.14
CA LYS A 60 18.52 1.00 14.28
C LYS A 60 18.38 -0.35 13.56
N ASP A 61 17.51 -1.20 14.07
CA ASP A 61 17.33 -2.53 13.50
C ASP A 61 16.07 -2.66 12.66
N PHE A 62 15.25 -1.62 12.60
CA PHE A 62 13.91 -1.80 12.06
C PHE A 62 13.88 -2.19 10.59
N GLN A 63 14.80 -1.66 9.78
CA GLN A 63 14.85 -2.02 8.37
C GLN A 63 15.33 -3.45 8.17
N ILE A 64 16.24 -3.89 9.02
CA ILE A 64 16.74 -5.27 8.96
C ILE A 64 15.61 -6.25 9.21
N ILE A 65 14.84 -6.01 10.26
CA ILE A 65 13.74 -6.89 10.62
C ILE A 65 12.71 -6.97 9.49
N ILE A 66 12.34 -5.81 8.95
CA ILE A 66 11.35 -5.73 7.89
C ILE A 66 11.79 -6.45 6.62
N ARG A 67 13.05 -6.29 6.26
CA ARG A 67 13.58 -6.97 5.08
C ARG A 67 13.55 -8.48 5.28
N GLU A 68 13.97 -8.92 6.46
CA GLU A 68 14.00 -10.35 6.75
C GLU A 68 12.62 -10.97 6.70
N LEU A 69 11.61 -10.23 7.15
CA LEU A 69 10.23 -10.70 7.08
C LEU A 69 9.73 -10.67 5.64
N TRP A 70 10.20 -9.70 4.87
CA TRP A 70 9.80 -9.58 3.49
C TRP A 70 10.30 -10.79 2.68
N ASP A 71 11.44 -11.34 3.09
CA ASP A 71 12.03 -12.47 2.39
C ASP A 71 11.36 -13.82 2.71
N LEU A 72 10.62 -13.88 3.81
CA LEU A 72 9.93 -15.12 4.17
C LEU A 72 8.76 -15.39 3.22
N PRO A 73 8.47 -16.67 2.95
CA PRO A 73 7.52 -17.07 1.90
C PRO A 73 6.06 -16.74 2.18
N GLU A 74 5.57 -16.98 3.39
CA GLU A 74 4.15 -16.80 3.69
C GLU A 74 3.78 -15.32 3.78
N ARG A 75 2.60 -14.98 3.26
CA ARG A 75 2.19 -13.57 3.12
C ARG A 75 2.00 -12.86 4.45
N GLU A 76 1.65 -13.62 5.49
CA GLU A 76 1.45 -13.05 6.82
C GLU A 76 2.69 -12.36 7.36
N PHE A 77 3.86 -12.78 6.90
CA PHE A 77 5.10 -12.18 7.38
C PHE A 77 5.26 -10.77 6.79
N GLN A 78 4.79 -10.56 5.56
CA GLN A 78 4.79 -9.22 5.00
C GLN A 78 3.73 -8.37 5.68
N ALA A 79 2.58 -8.97 5.96
CA ALA A 79 1.55 -8.24 6.72
C ALA A 79 2.05 -7.85 8.11
N ALA A 80 2.74 -8.76 8.78
CA ALA A 80 3.30 -8.48 10.09
C ALA A 80 4.39 -7.42 9.99
N ALA A 81 5.16 -7.46 8.90
CA ALA A 81 6.21 -6.47 8.69
C ALA A 81 5.62 -5.06 8.63
N LEU A 82 4.44 -4.94 8.02
CA LEU A 82 3.77 -3.65 7.91
C LEU A 82 3.16 -3.20 9.25
N ASP A 83 2.65 -4.15 10.03
CA ASP A 83 2.21 -3.85 11.40
C ASP A 83 3.38 -3.26 12.18
N ILE A 84 4.54 -3.89 12.03
CA ILE A 84 5.75 -3.45 12.71
C ILE A 84 6.18 -2.07 12.24
N MET A 85 6.11 -1.85 10.93
CA MET A 85 6.54 -0.57 10.36
C MET A 85 5.70 0.55 10.95
N GLN A 86 4.42 0.28 11.17
CA GLN A 86 3.51 1.24 11.77
C GLN A 86 3.95 1.64 13.18
N LYS A 87 4.48 0.69 13.92
CA LYS A 87 4.95 0.96 15.28
C LYS A 87 6.20 1.84 15.28
N TYR A 88 6.93 1.84 14.16
CA TYR A 88 8.11 2.68 14.03
C TYR A 88 7.82 3.96 13.24
N LYS A 89 6.54 4.27 13.06
CA LYS A 89 6.16 5.34 12.14
C LYS A 89 6.82 6.68 12.46
N LYS A 90 7.11 6.91 13.72
CA LYS A 90 7.67 8.19 14.14
C LYS A 90 9.14 8.35 13.72
N HIS A 91 9.79 7.26 13.36
CA HIS A 91 11.20 7.29 12.97
C HIS A 91 11.35 7.15 11.46
N ILE A 92 10.24 7.02 10.76
CA ILE A 92 10.28 6.91 9.31
C ILE A 92 10.20 8.29 8.71
N ASN A 93 11.12 8.58 7.80
CA ASN A 93 11.19 9.91 7.21
C ASN A 93 11.62 9.85 5.75
N GLU A 94 11.99 11.00 5.21
CA GLU A 94 12.32 11.07 3.79
C GLU A 94 13.52 10.20 3.39
N THR A 95 14.41 9.92 4.34
CA THR A 95 15.57 9.11 4.01
C THR A 95 15.18 7.66 3.79
N HIS A 96 13.95 7.32 4.15
CA HIS A 96 13.46 5.95 3.99
C HIS A 96 12.69 5.72 2.68
N ILE A 97 12.50 6.75 1.88
CA ILE A 97 11.76 6.58 0.63
C ILE A 97 12.31 5.44 -0.26
N PRO A 98 13.63 5.39 -0.46
CA PRO A 98 14.20 4.28 -1.24
C PRO A 98 13.87 2.90 -0.65
N PHE A 99 13.92 2.81 0.68
CA PHE A 99 13.55 1.59 1.38
C PHE A 99 12.10 1.21 1.08
N LEU A 100 11.20 2.19 1.12
CA LEU A 100 9.79 1.95 0.85
C LEU A 100 9.56 1.60 -0.62
N GLU A 101 10.37 2.16 -1.52
CA GLU A 101 10.33 1.81 -2.93
C GLU A 101 10.61 0.32 -3.13
N GLU A 102 11.63 -0.18 -2.45
CA GLU A 102 12.00 -1.58 -2.52
C GLU A 102 10.86 -2.45 -2.03
N LEU A 103 10.24 -2.04 -0.92
CA LEU A 103 9.11 -2.81 -0.38
C LEU A 103 7.99 -2.89 -1.42
N ILE A 104 7.70 -1.76 -2.08
CA ILE A 104 6.62 -1.69 -3.06
C ILE A 104 6.86 -2.63 -4.25
N VAL A 105 8.11 -2.75 -4.67
CA VAL A 105 8.41 -3.51 -5.90
C VAL A 105 8.78 -4.97 -5.64
N THR A 106 8.83 -5.35 -4.36
CA THR A 106 9.15 -6.73 -3.99
C THR A 106 7.94 -7.43 -3.38
N LYS A 107 7.69 -8.67 -3.78
CA LYS A 107 6.50 -9.39 -3.34
C LYS A 107 5.27 -8.50 -3.54
N SER A 108 5.17 -7.89 -4.71
CA SER A 108 4.17 -6.86 -4.96
C SER A 108 2.76 -7.41 -5.15
N TRP A 109 1.80 -6.80 -4.46
CA TRP A 109 0.38 -7.02 -4.76
C TRP A 109 -0.37 -5.85 -4.14
N TRP A 110 -1.69 -5.76 -4.35
CA TRP A 110 -2.41 -4.58 -3.86
C TRP A 110 -2.40 -4.48 -2.33
N ASP A 111 -2.35 -5.64 -1.66
CA ASP A 111 -2.44 -5.64 -0.21
C ASP A 111 -1.23 -5.00 0.45
N SER A 112 -0.04 -5.29 -0.05
CA SER A 112 1.16 -4.68 0.53
C SER A 112 1.33 -3.23 0.07
N VAL A 113 1.08 -2.99 -1.21
CA VAL A 113 1.30 -1.66 -1.75
C VAL A 113 0.33 -0.62 -1.19
N ASP A 114 -0.95 -0.95 -1.08
CA ASP A 114 -1.90 -0.02 -0.48
C ASP A 114 -1.59 0.26 1.00
N SER A 115 -0.91 -0.67 1.66
CA SER A 115 -0.57 -0.51 3.07
C SER A 115 0.64 0.40 3.27
N ILE A 116 1.41 0.58 2.21
CA ILE A 116 2.62 1.39 2.26
C ILE A 116 2.35 2.82 1.79
N VAL A 117 1.54 2.96 0.75
CA VAL A 117 1.49 4.23 0.03
C VAL A 117 0.69 5.39 0.66
N PRO A 118 -0.64 5.24 0.82
CA PRO A 118 -1.45 6.37 1.29
C PRO A 118 -1.08 6.88 2.68
N THR A 119 -0.52 6.02 3.52
CA THR A 119 -0.18 6.43 4.86
C THR A 119 1.26 6.91 4.93
N PHE A 120 2.20 5.98 4.79
CA PHE A 120 3.61 6.34 4.96
C PHE A 120 4.08 7.36 3.92
N LEU A 121 3.85 7.08 2.65
CA LEU A 121 4.29 7.99 1.60
C LEU A 121 3.44 9.26 1.58
N GLY A 122 2.14 9.12 1.78
CA GLY A 122 1.27 10.27 1.84
C GLY A 122 1.75 11.29 2.87
N ASP A 123 2.15 10.78 4.05
CA ASP A 123 2.61 11.67 5.13
C ASP A 123 3.98 12.27 4.83
N ILE A 124 4.87 11.46 4.29
CA ILE A 124 6.20 11.92 3.92
C ILE A 124 6.16 13.08 2.91
N PHE A 125 5.35 12.96 1.86
CA PHE A 125 5.31 14.04 0.86
C PHE A 125 4.60 15.30 1.37
N LEU A 126 3.75 15.13 2.37
CA LEU A 126 3.11 16.27 3.01
C LEU A 126 4.17 17.08 3.78
N LYS A 127 5.08 16.37 4.44
CA LYS A 127 6.11 17.01 5.26
C LYS A 127 7.30 17.50 4.42
N HIS A 128 7.46 16.90 3.24
CA HIS A 128 8.59 17.18 2.36
C HIS A 128 8.11 17.39 0.92
N PRO A 129 7.40 18.50 0.69
CA PRO A 129 6.75 18.77 -0.60
C PRO A 129 7.73 18.75 -1.79
N GLU A 130 8.96 19.20 -1.55
CA GLU A 130 9.96 19.30 -2.61
C GLU A 130 10.34 17.94 -3.18
N LEU A 131 10.04 16.86 -2.47
CA LEU A 131 10.44 15.53 -2.96
C LEU A 131 9.45 14.92 -3.95
N ILE A 132 8.27 15.52 -4.05
CA ILE A 132 7.29 14.99 -5.00
C ILE A 132 7.87 14.92 -6.42
N SER A 133 8.53 15.99 -6.86
CA SER A 133 9.10 16.01 -8.20
C SER A 133 10.25 15.02 -8.36
N ALA A 134 10.88 14.65 -7.24
CA ALA A 134 12.00 13.70 -7.27
C ALA A 134 11.54 12.24 -7.39
N TYR A 135 10.27 11.98 -7.15
CA TYR A 135 9.79 10.59 -7.09
C TYR A 135 8.60 10.28 -7.98
N ILE A 136 7.62 11.17 -7.97
CA ILE A 136 6.38 10.89 -8.68
C ILE A 136 6.58 10.73 -10.19
N PRO A 137 7.26 11.70 -10.85
CA PRO A 137 7.48 11.50 -12.29
C PRO A 137 8.26 10.22 -12.60
N LYS A 138 9.30 9.94 -11.81
CA LYS A 138 10.08 8.73 -11.97
C LYS A 138 9.23 7.46 -11.84
N TRP A 139 8.32 7.44 -10.86
CA TRP A 139 7.46 6.28 -10.66
C TRP A 139 6.52 6.08 -11.83
N ILE A 140 5.94 7.18 -12.31
CA ILE A 140 5.00 7.10 -13.42
C ILE A 140 5.67 6.52 -14.66
N ALA A 141 6.90 6.95 -14.90
CA ALA A 141 7.61 6.58 -16.13
C ALA A 141 8.28 5.22 -16.02
N SER A 142 8.28 4.64 -14.82
CA SER A 142 9.05 3.42 -14.53
C SER A 142 8.53 2.17 -15.22
N ASP A 143 7.26 2.17 -15.58
CA ASP A 143 6.63 0.96 -16.12
C ASP A 143 6.54 -0.17 -15.07
N ASN A 144 6.87 0.11 -13.81
CA ASN A 144 6.52 -0.81 -12.73
C ASN A 144 5.14 -0.41 -12.25
N ILE A 145 4.16 -1.30 -12.43
CA ILE A 145 2.78 -0.94 -12.18
C ILE A 145 2.49 -0.59 -10.71
N TRP A 146 3.33 -1.07 -9.80
CA TRP A 146 3.10 -0.80 -8.38
C TRP A 146 3.64 0.59 -7.98
N LEU A 147 4.74 1.01 -8.60
CA LEU A 147 5.21 2.39 -8.41
C LEU A 147 4.24 3.35 -9.07
N GLN A 148 3.62 2.91 -10.17
CA GLN A 148 2.65 3.74 -10.84
C GLN A 148 1.43 3.89 -9.95
N ARG A 149 0.97 2.78 -9.39
CA ARG A 149 -0.13 2.81 -8.44
C ARG A 149 0.22 3.69 -7.22
N ALA A 150 1.48 3.68 -6.79
CA ALA A 150 1.93 4.53 -5.70
C ALA A 150 1.77 6.02 -6.02
N ALA A 151 2.09 6.38 -7.27
CA ALA A 151 1.99 7.77 -7.71
C ALA A 151 0.54 8.23 -7.67
N ILE A 152 -0.35 7.35 -8.09
CA ILE A 152 -1.79 7.64 -8.07
C ILE A 152 -2.37 7.74 -6.66
N LEU A 153 -1.94 6.88 -5.74
CA LEU A 153 -2.60 6.75 -4.44
C LEU A 153 -1.95 7.51 -3.27
N PHE A 154 -0.82 8.16 -3.49
CA PHE A 154 -0.16 8.77 -2.33
C PHE A 154 -1.04 9.86 -1.72
N GLN A 155 -1.89 10.47 -2.55
CA GLN A 155 -2.79 11.51 -2.09
C GLN A 155 -4.17 10.99 -1.68
N LEU A 156 -4.33 9.67 -1.63
CA LEU A 156 -5.65 9.07 -1.44
C LEU A 156 -6.45 9.61 -0.25
N LYS A 157 -5.80 9.78 0.90
CA LYS A 157 -6.48 10.25 2.10
C LYS A 157 -6.37 11.76 2.36
N TYR A 158 -5.93 12.53 1.37
CA TYR A 158 -5.67 13.97 1.59
C TYR A 158 -6.93 14.79 1.83
N LYS A 159 -8.08 14.31 1.34
CA LYS A 159 -9.31 15.09 1.45
C LYS A 159 -9.07 16.51 0.94
N GLN A 160 -9.30 17.50 1.80
CA GLN A 160 -9.19 18.90 1.35
C GLN A 160 -7.76 19.34 1.06
N LYS A 161 -6.79 18.51 1.40
CA LYS A 161 -5.40 18.81 1.08
C LYS A 161 -5.05 18.36 -0.34
N MET A 162 -5.98 17.72 -1.02
CA MET A 162 -5.73 17.21 -2.38
C MET A 162 -5.24 18.31 -3.32
N ASP A 163 -4.13 18.05 -4.01
CA ASP A 163 -3.63 18.95 -5.02
C ASP A 163 -4.27 18.51 -6.32
N GLU A 164 -5.40 19.12 -6.66
CA GLU A 164 -6.19 18.67 -7.80
C GLU A 164 -5.42 18.68 -9.12
N GLU A 165 -4.70 19.77 -9.39
CA GLU A 165 -3.90 19.86 -10.62
C GLU A 165 -2.90 18.73 -10.73
N LEU A 166 -2.21 18.43 -9.62
CA LEU A 166 -1.26 17.32 -9.60
C LEU A 166 -1.97 15.98 -9.80
N LEU A 167 -3.04 15.76 -9.07
CA LEU A 167 -3.82 14.51 -9.23
C LEU A 167 -4.22 14.27 -10.68
N PHE A 168 -4.79 15.29 -11.30
CA PHE A 168 -5.28 15.15 -12.67
C PHE A 168 -4.14 14.98 -13.67
N TRP A 169 -3.01 15.64 -13.41
CA TRP A 169 -1.81 15.40 -14.19
C TRP A 169 -1.35 13.94 -14.11
N ILE A 170 -1.27 13.41 -12.89
CA ILE A 170 -0.83 12.02 -12.69
C ILE A 170 -1.76 11.05 -13.40
N ILE A 171 -3.06 11.23 -13.23
CA ILE A 171 -4.04 10.38 -13.89
C ILE A 171 -3.92 10.51 -15.41
N GLY A 172 -3.80 11.75 -15.88
CA GLY A 172 -3.61 11.98 -17.31
C GLY A 172 -2.44 11.19 -17.86
N GLN A 173 -1.37 11.10 -17.09
CA GLN A 173 -0.17 10.40 -17.53
C GLN A 173 -0.42 8.90 -17.65
N LEU A 174 -1.36 8.38 -16.85
CA LEU A 174 -1.60 6.94 -16.83
C LEU A 174 -2.96 6.50 -17.40
N HIS A 175 -3.69 7.42 -18.02
CA HIS A 175 -5.06 7.12 -18.47
C HIS A 175 -5.13 6.03 -19.54
N SER A 176 -4.04 5.85 -20.27
CA SER A 176 -4.01 4.84 -21.33
C SER A 176 -3.48 3.49 -20.87
N SER A 177 -3.10 3.38 -19.61
CA SER A 177 -2.60 2.11 -19.08
C SER A 177 -3.63 0.98 -19.26
N LYS A 178 -3.16 -0.17 -19.74
CA LYS A 178 -4.03 -1.34 -19.89
C LYS A 178 -4.00 -2.23 -18.65
N GLU A 179 -3.30 -1.79 -17.62
CA GLU A 179 -3.14 -2.58 -16.39
C GLU A 179 -4.35 -2.44 -15.48
N PHE A 180 -4.97 -3.59 -15.18
CA PHE A 180 -6.10 -3.67 -14.28
C PHE A 180 -5.91 -2.84 -13.01
N PHE A 181 -4.79 -3.04 -12.32
CA PHE A 181 -4.61 -2.36 -11.05
C PHE A 181 -4.34 -0.86 -11.15
N ILE A 182 -3.93 -0.38 -12.32
CA ILE A 182 -3.80 1.06 -12.54
C ILE A 182 -5.19 1.62 -12.79
N GLN A 183 -5.98 0.94 -13.62
CA GLN A 183 -7.33 1.38 -13.88
C GLN A 183 -8.16 1.42 -12.59
N LYS A 184 -7.98 0.42 -11.73
CA LYS A 184 -8.62 0.42 -10.42
C LYS A 184 -8.15 1.54 -9.49
N ALA A 185 -6.85 1.84 -9.51
CA ALA A 185 -6.30 2.87 -8.64
C ALA A 185 -6.87 4.24 -9.03
N ILE A 186 -6.99 4.47 -10.35
CA ILE A 186 -7.54 5.74 -10.87
C ILE A 186 -8.99 5.84 -10.44
N GLY A 187 -9.74 4.74 -10.58
CA GLY A 187 -11.12 4.71 -10.14
C GLY A 187 -11.25 4.97 -8.64
N TRP A 188 -10.39 4.34 -7.86
CA TRP A 188 -10.41 4.47 -6.40
C TRP A 188 -10.14 5.91 -5.92
N VAL A 189 -9.06 6.49 -6.41
CA VAL A 189 -8.68 7.82 -5.94
C VAL A 189 -9.73 8.84 -6.34
N LEU A 190 -10.33 8.68 -7.51
CA LEU A 190 -11.38 9.57 -7.96
C LEU A 190 -12.64 9.38 -7.11
N ARG A 191 -12.98 8.12 -6.84
CA ARG A 191 -14.15 7.80 -6.01
C ARG A 191 -13.97 8.35 -4.61
N GLU A 192 -12.77 8.16 -4.05
CA GLU A 192 -12.50 8.67 -2.71
C GLU A 192 -12.53 10.20 -2.69
N TYR A 193 -11.90 10.82 -3.67
CA TYR A 193 -11.88 12.28 -3.69
C TYR A 193 -13.28 12.86 -3.87
N ALA A 194 -14.15 12.09 -4.51
CA ALA A 194 -15.52 12.54 -4.77
C ALA A 194 -16.32 12.68 -3.47
N LYS A 195 -15.86 12.01 -2.41
CA LYS A 195 -16.47 12.17 -1.08
C LYS A 195 -16.28 13.61 -0.59
N THR A 196 -15.26 14.28 -1.12
CA THR A 196 -14.91 15.64 -0.74
C THR A 196 -15.40 16.65 -1.78
N ASN A 197 -15.11 16.37 -3.04
CA ASN A 197 -15.46 17.28 -4.13
C ASN A 197 -16.07 16.55 -5.31
N PRO A 198 -17.34 16.15 -5.18
CA PRO A 198 -18.00 15.31 -6.20
C PRO A 198 -18.13 16.03 -7.55
N ASP A 199 -18.41 17.33 -7.54
CA ASP A 199 -18.59 18.08 -8.77
C ASP A 199 -17.37 17.99 -9.68
N VAL A 200 -16.19 18.20 -9.12
CA VAL A 200 -14.97 18.22 -9.93
C VAL A 200 -14.64 16.83 -10.48
N VAL A 201 -14.95 15.79 -9.72
CA VAL A 201 -14.71 14.42 -10.18
C VAL A 201 -15.69 14.07 -11.29
N TRP A 202 -16.96 14.42 -11.10
CA TRP A 202 -17.96 14.17 -12.12
C TRP A 202 -17.58 14.80 -13.46
N GLU A 203 -17.20 16.08 -13.43
CA GLU A 203 -16.81 16.78 -14.64
C GLU A 203 -15.55 16.15 -15.25
N TYR A 204 -14.60 15.76 -14.40
CA TYR A 204 -13.38 15.17 -14.91
C TYR A 204 -13.68 13.88 -15.67
N VAL A 205 -14.46 13.01 -15.03
CA VAL A 205 -14.82 11.72 -15.63
C VAL A 205 -15.61 11.89 -16.94
N GLN A 206 -16.51 12.86 -16.98
CA GLN A 206 -17.34 13.08 -18.16
C GLN A 206 -16.53 13.63 -19.35
N ASN A 207 -15.51 14.43 -19.07
CA ASN A 207 -14.81 15.19 -20.11
C ASN A 207 -13.38 14.74 -20.43
N ASN A 208 -12.93 13.65 -19.82
CA ASN A 208 -11.57 13.19 -20.07
C ASN A 208 -11.50 11.69 -20.38
N GLU A 209 -10.50 11.29 -21.16
CA GLU A 209 -10.34 9.89 -21.52
C GLU A 209 -9.85 9.05 -20.35
N LEU A 210 -10.60 7.99 -20.06
CA LEU A 210 -10.23 6.97 -19.06
C LEU A 210 -10.80 5.65 -19.56
N ALA A 211 -10.29 4.54 -19.02
CA ALA A 211 -10.89 3.25 -19.35
C ALA A 211 -12.32 3.24 -18.80
N PRO A 212 -13.24 2.55 -19.49
CA PRO A 212 -14.61 2.42 -18.97
C PRO A 212 -14.60 1.91 -17.53
N LEU A 213 -13.69 0.99 -17.21
CA LEU A 213 -13.57 0.45 -15.86
C LEU A 213 -13.34 1.58 -14.85
N SER A 214 -12.38 2.46 -15.17
CA SER A 214 -12.07 3.56 -14.27
C SER A 214 -13.26 4.50 -14.12
N LYS A 215 -13.99 4.75 -15.21
CA LYS A 215 -15.15 5.64 -15.13
C LYS A 215 -16.25 5.02 -14.25
N ARG A 216 -16.51 3.72 -14.42
CA ARG A 216 -17.49 3.03 -13.60
C ARG A 216 -17.13 3.10 -12.11
N GLU A 217 -15.87 2.81 -11.80
CA GLU A 217 -15.39 2.79 -10.42
C GLU A 217 -15.44 4.20 -9.81
N ALA A 218 -15.06 5.20 -10.60
CA ALA A 218 -15.00 6.57 -10.11
C ALA A 218 -16.37 7.09 -9.65
N ILE A 219 -17.43 6.75 -10.39
CA ILE A 219 -18.71 7.40 -10.15
C ILE A 219 -19.74 6.52 -9.45
N LYS A 220 -19.32 5.35 -8.97
CA LYS A 220 -20.29 4.37 -8.47
C LYS A 220 -21.16 4.88 -7.32
N HIS A 221 -20.64 5.82 -6.53
CA HIS A 221 -21.40 6.35 -5.41
C HIS A 221 -22.00 7.74 -5.62
N ILE A 222 -21.64 8.41 -6.72
CA ILE A 222 -22.21 9.74 -6.97
C ILE A 222 -23.14 9.82 -8.18
N LYS A 223 -23.16 8.77 -9.02
CA LYS A 223 -23.93 8.86 -10.26
C LYS A 223 -25.41 9.11 -9.98
N GLN A 224 -25.90 8.66 -8.84
CA GLN A 224 -27.31 8.85 -8.51
C GLN A 224 -27.63 10.32 -8.20
N ASN A 225 -26.60 11.17 -8.19
CA ASN A 225 -26.78 12.59 -7.88
C ASN A 225 -26.74 13.50 -9.10
N TYR A 226 -26.62 12.91 -10.29
CA TYR A 226 -26.50 13.69 -11.52
C TYR A 226 -27.45 13.22 -12.62
O5' 3DR B 5 -22.19 -12.33 4.01
P 3DR B 5 -21.71 -12.42 2.48
OP1 3DR B 5 -20.54 -13.49 2.33
OP2 3DR B 5 -22.91 -12.69 1.50
C2' 3DR B 5 -23.47 -14.09 6.47
C5' 3DR B 5 -21.31 -11.83 5.01
C4' 3DR B 5 -21.79 -12.33 6.37
O4' 3DR B 5 -23.07 -11.74 6.61
C1' 3DR B 5 -24.11 -12.73 6.69
C3' 3DR B 5 -21.99 -13.84 6.28
O3' 3DR B 5 -21.25 -14.48 7.31
#